data_4YFY
#
_entry.id   4YFY
#
_cell.length_a   132.000
_cell.length_b   132.000
_cell.length_c   161.400
_cell.angle_alpha   90.00
_cell.angle_beta   90.00
_cell.angle_gamma   120.00
#
_symmetry.space_group_name_H-M   'H 3 2'
#
loop_
_entity.id
_entity.type
_entity.pdbx_description
1 polymer VioF
2 non-polymer dTDP-4-amino-4,6-dideoxyglucose
3 non-polymer 'N-[4-({[(6R)-2-amino-4-oxo-3,4,5,6,7,8-hexahydropteridin-6-yl]methyl}amino)benzoyl]-L-glutamic acid'
4 non-polymer 'CHLORIDE ION'
5 non-polymer 1,2-ETHANEDIOL
6 water water
#
_entity_poly.entity_id   1
_entity_poly.type   'polypeptide(L)'
_entity_poly.pdbx_seq_one_letter_code
;MKKILVISDNYQLVSYIKNLYLSNEEWSKELFIDYSYSSINRNPQSLIELGMTEIDIKNKNLNELNDYHLIISAHCKQIF
PAHIVNNKLCINIHPGLNPYNRGWFPQVFSILNKKPIGATIHKMDSEVDHGEIYCQEEVSILSHETSIDIYNKVIELEKK
LIKNNLLKIINNELQPKLPSQEGNYNSIQDFNKLCKLNLEDNGSLREHIDLLRALTHGDFKNAYFYDENNTKVFVKIELS
LSQELESAHHHHHH
;
_entity_poly.pdbx_strand_id   A,B
#
# COMPACT_ATOMS: atom_id res chain seq x y z
N MET A 1 45.72 -10.44 -23.44
CA MET A 1 44.26 -10.49 -23.10
C MET A 1 43.91 -11.61 -22.10
N LYS A 2 42.69 -11.55 -21.57
CA LYS A 2 42.28 -12.35 -20.42
C LYS A 2 40.86 -12.75 -20.75
N LYS A 3 40.54 -14.02 -20.52
CA LYS A 3 39.18 -14.48 -20.62
C LYS A 3 38.44 -14.43 -19.28
N ILE A 4 37.23 -13.88 -19.28
CA ILE A 4 36.43 -13.59 -18.08
C ILE A 4 35.07 -14.23 -18.27
N LEU A 5 34.62 -14.96 -17.24
CA LEU A 5 33.23 -15.45 -17.25
C LEU A 5 32.36 -14.80 -16.19
N VAL A 6 31.19 -14.33 -16.61
CA VAL A 6 30.31 -13.63 -15.72
C VAL A 6 29.08 -14.52 -15.65
N ILE A 7 28.73 -14.93 -14.43
CA ILE A 7 27.50 -15.70 -14.19
C ILE A 7 26.59 -14.78 -13.43
N SER A 8 25.48 -14.41 -14.06
CA SER A 8 24.57 -13.48 -13.43
C SER A 8 23.14 -13.83 -13.73
N ASP A 9 22.31 -13.72 -12.73
CA ASP A 9 20.90 -13.73 -12.95
C ASP A 9 20.24 -12.35 -12.76
N ASN A 10 21.01 -11.27 -12.89
CA ASN A 10 20.43 -9.93 -12.67
C ASN A 10 20.68 -9.10 -13.90
N TYR A 11 19.59 -8.77 -14.61
CA TYR A 11 19.59 -7.93 -15.79
C TYR A 11 20.31 -6.62 -15.56
N GLN A 12 20.07 -5.93 -14.45
CA GLN A 12 20.75 -4.65 -14.30
C GLN A 12 22.26 -4.72 -14.22
N LEU A 13 22.74 -5.64 -13.42
CA LEU A 13 24.16 -5.70 -13.25
C LEU A 13 24.87 -6.17 -14.49
N VAL A 14 24.31 -7.17 -15.17
CA VAL A 14 24.94 -7.70 -16.36
C VAL A 14 24.93 -6.68 -17.44
N SER A 15 23.82 -5.98 -17.58
CA SER A 15 23.72 -4.88 -18.55
C SER A 15 24.74 -3.80 -18.26
N TYR A 16 24.99 -3.47 -16.98
CA TYR A 16 25.94 -2.46 -16.63
C TYR A 16 27.39 -2.85 -16.99
N ILE A 17 27.74 -4.07 -16.64
CA ILE A 17 29.04 -4.59 -16.99
C ILE A 17 29.27 -4.56 -18.53
N LYS A 18 28.26 -4.88 -19.30
CA LYS A 18 28.34 -4.91 -20.76
C LYS A 18 28.52 -3.49 -21.27
N ASN A 19 27.82 -2.56 -20.61
CA ASN A 19 27.96 -1.13 -20.90
C ASN A 19 29.30 -0.53 -20.60
N LEU A 20 29.94 -0.95 -19.52
CA LEU A 20 31.30 -0.52 -19.22
C LEU A 20 32.28 -1.06 -20.24
N TYR A 21 32.11 -2.32 -20.59
CA TYR A 21 32.95 -2.92 -21.65
C TYR A 21 32.85 -2.10 -22.93
N LEU A 22 31.64 -1.75 -23.32
CA LEU A 22 31.39 -1.05 -24.56
C LEU A 22 31.93 0.36 -24.50
N SER A 23 32.11 0.91 -23.31
CA SER A 23 32.42 2.31 -23.19
C SER A 23 33.84 2.59 -22.76
N ASN A 24 34.63 1.57 -22.43
CA ASN A 24 35.92 1.77 -21.79
C ASN A 24 36.92 0.91 -22.56
N GLU A 25 37.77 1.61 -23.29
CA GLU A 25 38.90 1.04 -24.04
C GLU A 25 39.78 0.10 -23.25
N GLU A 26 40.04 0.40 -21.99
CA GLU A 26 40.76 -0.52 -21.11
C GLU A 26 40.11 -1.88 -20.99
N TRP A 27 38.81 -1.99 -21.18
CA TRP A 27 38.10 -3.26 -21.07
C TRP A 27 38.18 -4.02 -22.41
N SER A 28 37.80 -3.38 -23.50
CA SER A 28 37.72 -4.07 -24.78
C SER A 28 39.09 -4.51 -25.27
N LYS A 29 40.13 -3.76 -24.92
CA LYS A 29 41.47 -4.12 -25.35
C LYS A 29 42.10 -5.23 -24.55
N GLU A 30 41.70 -5.38 -23.28
CA GLU A 30 42.28 -6.39 -22.39
C GLU A 30 41.42 -7.65 -22.16
N LEU A 31 40.10 -7.58 -22.39
CA LEU A 31 39.23 -8.67 -21.95
C LEU A 31 38.36 -9.27 -23.03
N PHE A 32 38.23 -10.59 -22.99
CA PHE A 32 37.11 -11.28 -23.60
C PHE A 32 36.23 -11.69 -22.42
N ILE A 33 34.92 -11.41 -22.55
CA ILE A 33 33.96 -11.69 -21.51
C ILE A 33 32.85 -12.56 -22.07
N ASP A 34 32.68 -13.73 -21.46
CA ASP A 34 31.54 -14.60 -21.70
C ASP A 34 30.51 -14.35 -20.60
N TYR A 35 29.22 -14.39 -20.93
CA TYR A 35 28.11 -14.13 -20.02
C TYR A 35 27.07 -15.31 -19.98
N SER A 36 26.73 -15.82 -18.79
CA SER A 36 25.73 -16.83 -18.55
C SER A 36 24.84 -16.55 -17.36
N TYR A 37 23.62 -17.07 -17.45
CA TYR A 37 22.63 -17.06 -16.43
C TYR A 37 22.56 -18.51 -15.98
N SER A 38 21.96 -18.71 -14.82
CA SER A 38 21.87 -20.01 -14.16
C SER A 38 20.77 -20.86 -14.74
N SER A 39 21.04 -22.15 -14.77
CA SER A 39 20.11 -23.12 -15.33
C SER A 39 18.87 -23.13 -14.44
N ILE A 40 18.98 -22.80 -13.15
CA ILE A 40 17.83 -22.77 -12.26
C ILE A 40 16.96 -21.50 -12.34
N ASN A 41 17.39 -20.49 -13.06
CA ASN A 41 16.57 -19.29 -13.23
C ASN A 41 15.30 -19.62 -13.97
N ARG A 42 14.20 -19.45 -13.25
CA ARG A 42 12.86 -19.68 -13.78
C ARG A 42 12.34 -18.66 -14.77
N ASN A 43 12.85 -17.42 -14.79
CA ASN A 43 12.50 -16.56 -15.92
C ASN A 43 13.61 -15.74 -16.55
N PRO A 44 14.42 -16.40 -17.37
CA PRO A 44 15.66 -15.82 -17.87
C PRO A 44 15.48 -15.04 -19.16
N GLN A 45 14.23 -14.85 -19.61
CA GLN A 45 14.02 -14.29 -20.93
C GLN A 45 14.78 -13.01 -21.19
N SER A 46 14.73 -12.09 -20.24
CA SER A 46 15.41 -10.80 -20.45
C SER A 46 16.93 -10.94 -20.62
N LEU A 47 17.46 -12.02 -20.06
CA LEU A 47 18.90 -12.30 -20.13
C LEU A 47 19.20 -13.06 -21.42
N ILE A 48 18.35 -14.00 -21.79
CA ILE A 48 18.45 -14.66 -23.09
C ILE A 48 18.45 -13.61 -24.23
N GLU A 49 17.66 -12.57 -24.05
CA GLU A 49 17.61 -11.44 -25.00
C GLU A 49 18.92 -10.74 -25.16
N LEU A 50 19.76 -10.80 -24.14
CA LEU A 50 21.12 -10.27 -24.32
C LEU A 50 22.08 -11.23 -25.00
N GLY A 51 21.54 -12.35 -25.48
CA GLY A 51 22.33 -13.43 -26.04
C GLY A 51 23.10 -14.25 -25.02
N MET A 52 22.69 -14.22 -23.75
CA MET A 52 23.41 -14.98 -22.73
C MET A 52 23.10 -16.46 -22.83
N THR A 53 24.04 -17.26 -22.32
CA THR A 53 23.91 -18.70 -22.38
C THR A 53 23.67 -19.27 -21.01
N GLU A 54 22.94 -20.38 -20.97
CA GLU A 54 22.71 -21.07 -19.71
C GLU A 54 23.96 -21.77 -19.20
N ILE A 55 24.22 -21.69 -17.89
CA ILE A 55 25.25 -22.46 -17.22
C ILE A 55 24.72 -23.06 -15.93
N ASP A 56 25.14 -24.29 -15.67
CA ASP A 56 24.88 -24.96 -14.41
C ASP A 56 26.23 -25.20 -13.72
N ILE A 57 26.59 -24.25 -12.84
CA ILE A 57 27.91 -24.23 -12.25
C ILE A 57 28.09 -25.39 -11.24
N LYS A 58 27.01 -25.92 -10.68
CA LYS A 58 27.10 -27.13 -9.86
C LYS A 58 27.42 -28.39 -10.60
N ASN A 59 27.18 -28.45 -11.91
CA ASN A 59 27.54 -29.63 -12.68
C ASN A 59 28.66 -29.41 -13.67
N LYS A 60 29.12 -28.17 -13.77
CA LYS A 60 30.10 -27.81 -14.75
C LYS A 60 31.45 -28.48 -14.48
N ASN A 61 32.03 -29.03 -15.54
CA ASN A 61 33.27 -29.75 -15.29
C ASN A 61 34.37 -28.73 -15.26
N LEU A 62 35.24 -28.84 -14.26
CA LEU A 62 36.29 -27.89 -14.03
C LEU A 62 37.27 -27.73 -15.19
N ASN A 63 37.58 -28.82 -15.89
CA ASN A 63 38.41 -28.77 -17.11
C ASN A 63 37.87 -27.85 -18.20
N GLU A 64 36.56 -27.78 -18.32
CA GLU A 64 35.94 -26.82 -19.23
C GLU A 64 36.11 -25.33 -18.84
N LEU A 65 36.69 -25.02 -17.68
CA LEU A 65 36.83 -23.63 -17.27
C LEU A 65 38.28 -23.18 -17.27
N ASN A 66 39.24 -23.94 -17.82
CA ASN A 66 40.67 -23.61 -17.73
C ASN A 66 41.01 -22.25 -18.32
N ASP A 67 40.31 -21.80 -19.35
CA ASP A 67 40.71 -20.58 -20.06
C ASP A 67 40.47 -19.30 -19.24
N TYR A 68 39.61 -19.41 -18.22
CA TYR A 68 39.15 -18.21 -17.54
C TYR A 68 40.17 -17.75 -16.49
N HIS A 69 40.56 -16.49 -16.58
CA HIS A 69 41.38 -15.83 -15.59
C HIS A 69 40.63 -15.81 -14.24
N LEU A 70 39.34 -15.47 -14.27
CA LEU A 70 38.46 -15.58 -13.10
C LEU A 70 37.01 -15.60 -13.52
N ILE A 71 36.17 -15.95 -12.57
CA ILE A 71 34.74 -16.04 -12.81
C ILE A 71 34.11 -15.01 -11.88
N ILE A 72 33.18 -14.23 -12.40
CA ILE A 72 32.44 -13.27 -11.59
C ILE A 72 30.99 -13.76 -11.41
N SER A 73 30.50 -13.87 -10.17
CA SER A 73 29.12 -14.09 -9.86
C SER A 73 28.48 -12.74 -9.61
N ALA A 74 27.39 -12.44 -10.29
CA ALA A 74 26.75 -11.17 -9.99
C ALA A 74 25.29 -11.51 -9.83
N HIS A 75 24.92 -11.80 -8.59
CA HIS A 75 23.58 -12.16 -8.19
C HIS A 75 23.25 -13.48 -8.88
N CYS A 76 24.22 -14.39 -8.78
CA CYS A 76 24.03 -15.79 -9.26
C CYS A 76 23.10 -16.56 -8.31
N LYS A 77 22.13 -17.30 -8.86
CA LYS A 77 21.15 -18.00 -8.03
C LYS A 77 21.67 -19.34 -7.51
N GLN A 78 22.88 -19.77 -7.84
CA GLN A 78 23.41 -21.05 -7.38
C GLN A 78 24.65 -20.83 -6.48
N ILE A 79 24.74 -21.67 -5.46
CA ILE A 79 25.97 -21.82 -4.69
C ILE A 79 26.97 -22.60 -5.51
N PHE A 80 28.13 -21.98 -5.74
CA PHE A 80 29.25 -22.61 -6.43
C PHE A 80 29.83 -23.71 -5.52
N PRO A 81 30.05 -24.93 -6.06
CA PRO A 81 30.64 -26.01 -5.26
C PRO A 81 32.04 -25.64 -4.80
N ALA A 82 32.44 -26.24 -3.68
CA ALA A 82 33.81 -26.11 -3.19
C ALA A 82 34.87 -26.30 -4.27
N HIS A 83 34.64 -27.32 -5.11
CA HIS A 83 35.62 -27.61 -6.13
C HIS A 83 35.89 -26.42 -7.03
N ILE A 84 34.88 -25.63 -7.34
CA ILE A 84 34.99 -24.54 -8.26
C ILE A 84 35.69 -23.37 -7.58
N VAL A 85 35.26 -22.98 -6.38
CA VAL A 85 35.84 -21.80 -5.77
C VAL A 85 37.29 -22.05 -5.31
N ASN A 86 37.64 -23.30 -5.03
CA ASN A 86 38.96 -23.62 -4.52
C ASN A 86 40.01 -23.82 -5.61
N ASN A 87 39.59 -23.80 -6.89
CA ASN A 87 40.46 -24.08 -8.03
C ASN A 87 40.39 -23.06 -9.15
N LYS A 88 39.42 -22.16 -9.04
CA LYS A 88 39.30 -20.99 -9.93
C LYS A 88 39.12 -19.76 -9.01
N LEU A 89 39.76 -18.66 -9.39
CA LEU A 89 39.47 -17.38 -8.76
C LEU A 89 38.04 -16.92 -9.11
N CYS A 90 37.18 -16.92 -8.10
CA CYS A 90 35.79 -16.55 -8.20
C CYS A 90 35.47 -15.36 -7.29
N ILE A 91 34.82 -14.36 -7.86
CA ILE A 91 34.51 -13.10 -7.19
C ILE A 91 33.01 -12.87 -7.28
N ASN A 92 32.43 -12.49 -6.15
CA ASN A 92 30.98 -12.25 -6.03
C ASN A 92 30.68 -10.79 -5.77
N ILE A 93 29.63 -10.32 -6.45
CA ILE A 93 29.07 -9.01 -6.24
C ILE A 93 27.75 -9.18 -5.46
N HIS A 94 27.76 -8.80 -4.19
CA HIS A 94 26.75 -9.21 -3.20
C HIS A 94 25.96 -7.99 -2.70
N PRO A 95 24.63 -8.10 -2.63
CA PRO A 95 23.88 -6.88 -2.29
C PRO A 95 23.57 -6.82 -0.80
N GLY A 96 24.62 -6.86 0.00
CA GLY A 96 24.63 -6.70 1.44
C GLY A 96 26.00 -6.18 1.80
N LEU A 97 26.09 -5.70 3.03
CA LEU A 97 27.35 -5.41 3.65
C LEU A 97 27.90 -6.60 4.47
N ASN A 98 28.76 -7.41 3.87
CA ASN A 98 29.31 -8.56 4.60
C ASN A 98 30.12 -8.01 5.75
N PRO A 99 30.13 -8.73 6.87
CA PRO A 99 29.51 -10.04 7.13
C PRO A 99 28.11 -10.04 7.78
N TYR A 100 27.46 -8.89 7.68
CA TYR A 100 26.15 -8.66 8.29
C TYR A 100 25.07 -9.08 7.31
N ASN A 101 24.17 -9.89 7.82
CA ASN A 101 23.06 -10.37 7.01
C ASN A 101 23.51 -10.95 5.67
N ARG A 102 24.51 -11.80 5.71
CA ARG A 102 24.86 -12.66 4.57
C ARG A 102 23.64 -13.47 4.20
N GLY A 103 23.59 -13.91 2.95
CA GLY A 103 22.57 -14.80 2.42
C GLY A 103 21.45 -13.97 1.85
N TRP A 104 20.22 -14.41 2.11
CA TRP A 104 19.04 -13.96 1.38
C TRP A 104 18.55 -12.55 1.79
N PHE A 105 18.36 -11.75 0.76
CA PHE A 105 17.64 -10.47 0.80
C PHE A 105 18.22 -9.59 1.95
N PRO A 106 19.50 -9.29 1.92
CA PRO A 106 20.08 -8.59 3.08
C PRO A 106 19.27 -7.39 3.66
N GLN A 107 18.71 -6.58 2.77
CA GLN A 107 18.07 -5.37 3.21
C GLN A 107 16.74 -5.63 3.96
N VAL A 108 16.06 -6.73 3.65
CA VAL A 108 14.91 -7.13 4.44
C VAL A 108 15.34 -7.25 5.90
N PHE A 109 16.38 -8.06 6.10
CA PHE A 109 16.81 -8.37 7.45
C PHE A 109 17.38 -7.15 8.14
N SER A 110 18.03 -6.29 7.38
CA SER A 110 18.62 -5.11 8.04
C SER A 110 17.55 -4.14 8.51
N ILE A 111 16.43 -4.07 7.78
CA ILE A 111 15.32 -3.20 8.17
C ILE A 111 14.83 -3.70 9.52
N LEU A 112 14.75 -5.01 9.68
CA LEU A 112 14.31 -5.66 10.93
C LEU A 112 15.34 -5.66 12.03
N ASN A 113 16.56 -6.09 11.77
CA ASN A 113 17.55 -6.25 12.84
C ASN A 113 18.55 -5.11 13.02
N LYS A 114 18.48 -4.09 12.17
CA LYS A 114 19.31 -2.88 12.26
C LYS A 114 20.80 -3.07 12.05
N LYS A 115 21.26 -4.25 11.68
CA LYS A 115 22.61 -4.43 11.19
C LYS A 115 22.88 -3.70 9.87
N PRO A 116 24.15 -3.31 9.65
CA PRO A 116 24.45 -2.47 8.49
C PRO A 116 24.05 -3.13 7.18
N ILE A 117 23.73 -2.28 6.20
CA ILE A 117 23.35 -2.73 4.85
C ILE A 117 24.22 -1.95 3.88
N GLY A 118 24.35 -2.40 2.63
CA GLY A 118 25.39 -1.92 1.75
C GLY A 118 25.62 -2.95 0.67
N ALA A 119 26.73 -2.79 -0.04
CA ALA A 119 27.15 -3.71 -1.09
C ALA A 119 28.62 -4.08 -0.87
N THR A 120 29.00 -5.26 -1.34
CA THR A 120 30.29 -5.91 -1.15
C THR A 120 30.77 -6.65 -2.40
N ILE A 121 32.03 -6.45 -2.78
CA ILE A 121 32.64 -7.35 -3.75
C ILE A 121 33.69 -8.14 -2.96
N HIS A 122 33.57 -9.47 -3.04
CA HIS A 122 34.38 -10.38 -2.25
C HIS A 122 34.81 -11.61 -3.04
N LYS A 123 35.93 -12.20 -2.64
CA LYS A 123 36.31 -13.52 -3.12
C LYS A 123 35.31 -14.56 -2.60
N MET A 124 35.02 -15.55 -3.44
CA MET A 124 34.10 -16.61 -2.98
C MET A 124 34.90 -17.72 -2.33
N ASP A 125 34.52 -18.09 -1.12
CA ASP A 125 34.95 -19.40 -0.64
C ASP A 125 33.80 -20.38 -0.73
N SER A 126 33.95 -21.56 -0.14
CA SER A 126 32.90 -22.59 -0.19
C SER A 126 31.64 -22.29 0.64
N GLU A 127 31.74 -21.33 1.57
CA GLU A 127 30.61 -20.78 2.27
C GLU A 127 30.02 -19.58 1.55
N VAL A 128 28.82 -19.22 1.95
CA VAL A 128 28.06 -18.19 1.25
C VAL A 128 28.37 -16.85 1.85
N ASP A 129 28.80 -15.98 0.94
CA ASP A 129 28.98 -14.55 1.25
C ASP A 129 29.95 -14.34 2.39
N HIS A 130 31.09 -14.99 2.20
CA HIS A 130 31.99 -15.32 3.34
C HIS A 130 33.49 -15.05 3.11
N GLY A 131 33.93 -15.05 1.86
CA GLY A 131 35.34 -14.86 1.54
C GLY A 131 35.83 -13.39 1.73
N GLU A 132 37.13 -13.20 1.47
CA GLU A 132 37.85 -11.94 1.71
C GLU A 132 37.29 -10.86 0.82
N ILE A 133 37.19 -9.67 1.39
CA ILE A 133 36.43 -8.54 0.86
C ILE A 133 37.38 -7.60 0.10
N TYR A 134 37.11 -7.35 -1.16
CA TYR A 134 37.91 -6.40 -1.95
C TYR A 134 37.50 -4.97 -1.61
N CYS A 135 36.20 -4.68 -1.58
CA CYS A 135 35.68 -3.35 -1.42
C CYS A 135 34.20 -3.44 -1.00
N GLN A 136 33.72 -2.45 -0.25
CA GLN A 136 32.31 -2.48 0.13
C GLN A 136 31.96 -1.10 0.67
N GLU A 137 30.69 -0.75 0.76
CA GLU A 137 30.26 0.59 1.12
C GLU A 137 28.85 0.44 1.74
N GLU A 138 28.57 1.23 2.77
CA GLU A 138 27.26 1.17 3.39
C GLU A 138 26.25 2.08 2.73
N VAL A 139 24.95 1.74 2.82
CA VAL A 139 23.92 2.70 2.48
C VAL A 139 23.12 2.88 3.79
N SER A 140 22.31 3.93 3.89
CA SER A 140 21.52 4.12 5.12
C SER A 140 20.08 3.69 4.84
N ILE A 141 19.30 3.52 5.89
CA ILE A 141 17.89 3.15 5.84
C ILE A 141 17.07 4.28 6.47
N LEU A 142 16.15 4.86 5.72
CA LEU A 142 15.37 6.02 6.20
C LEU A 142 14.03 5.50 6.67
N SER A 143 13.37 6.31 7.51
CA SER A 143 12.10 5.89 8.18
C SER A 143 11.00 5.54 7.20
N HIS A 144 11.05 6.11 6.01
CA HIS A 144 9.94 5.92 5.06
C HIS A 144 10.21 4.83 4.00
N GLU A 145 11.32 4.11 4.15
CA GLU A 145 11.78 3.23 3.08
C GLU A 145 11.33 1.78 3.24
N THR A 146 11.08 1.10 2.13
CA THR A 146 10.72 -0.33 2.10
C THR A 146 11.93 -1.12 1.61
N SER A 147 11.83 -2.44 1.50
CA SER A 147 12.85 -3.27 0.93
C SER A 147 13.27 -2.82 -0.45
N ILE A 148 12.30 -2.44 -1.26
CA ILE A 148 12.64 -2.12 -2.62
C ILE A 148 13.37 -0.81 -2.70
N ASP A 149 13.04 0.13 -1.85
CA ASP A 149 13.76 1.38 -1.77
C ASP A 149 15.24 1.12 -1.43
N ILE A 150 15.51 0.25 -0.49
CA ILE A 150 16.87 0.11 0.00
C ILE A 150 17.63 -0.71 -1.05
N TYR A 151 16.97 -1.74 -1.58
CA TYR A 151 17.52 -2.58 -2.65
C TYR A 151 18.00 -1.77 -3.85
N ASN A 152 17.15 -0.85 -4.31
CA ASN A 152 17.57 0.12 -5.31
C ASN A 152 18.80 0.93 -5.04
N LYS A 153 18.95 1.41 -3.81
CA LYS A 153 20.22 1.99 -3.38
C LYS A 153 21.41 1.04 -3.40
N VAL A 154 21.18 -0.22 -3.03
CA VAL A 154 22.23 -1.23 -3.08
C VAL A 154 22.72 -1.49 -4.51
N ILE A 155 21.76 -1.59 -5.43
CA ILE A 155 22.10 -1.91 -6.80
C ILE A 155 22.92 -0.74 -7.35
N GLU A 156 22.49 0.48 -7.06
CA GLU A 156 23.25 1.65 -7.54
C GLU A 156 24.69 1.60 -7.00
N LEU A 157 24.83 1.24 -5.72
CA LEU A 157 26.17 1.19 -5.11
C LEU A 157 27.02 0.02 -5.69
N GLU A 158 26.36 -1.12 -5.94
CA GLU A 158 26.99 -2.18 -6.72
C GLU A 158 27.58 -1.71 -8.04
N LYS A 159 26.83 -0.89 -8.80
CA LYS A 159 27.41 -0.27 -9.99
C LYS A 159 28.62 0.59 -9.72
N LYS A 160 28.57 1.40 -8.68
CA LYS A 160 29.70 2.27 -8.38
C LYS A 160 30.92 1.44 -8.00
N LEU A 161 30.74 0.36 -7.23
CA LEU A 161 31.85 -0.52 -6.85
C LEU A 161 32.46 -1.23 -8.03
N ILE A 162 31.61 -1.70 -8.93
CA ILE A 162 32.10 -2.26 -10.19
C ILE A 162 32.90 -1.23 -10.99
N LYS A 163 32.27 -0.09 -11.23
CA LYS A 163 32.92 0.92 -12.05
C LYS A 163 34.27 1.34 -11.50
N ASN A 164 34.36 1.41 -10.19
CA ASN A 164 35.59 1.86 -9.53
C ASN A 164 36.61 0.79 -9.26
N ASN A 165 36.23 -0.48 -9.20
CA ASN A 165 37.16 -1.47 -8.69
C ASN A 165 37.28 -2.76 -9.48
N LEU A 166 36.35 -3.09 -10.36
CA LEU A 166 36.26 -4.46 -10.91
C LEU A 166 37.48 -4.76 -11.79
N LEU A 167 37.95 -3.78 -12.53
CA LEU A 167 39.13 -4.00 -13.38
C LEU A 167 40.40 -4.12 -12.55
N LYS A 168 40.49 -3.29 -11.51
CA LYS A 168 41.59 -3.46 -10.57
C LYS A 168 41.64 -4.87 -9.95
N ILE A 169 40.48 -5.42 -9.65
CA ILE A 169 40.43 -6.78 -9.08
C ILE A 169 40.90 -7.76 -10.12
N ILE A 170 40.43 -7.60 -11.34
CA ILE A 170 40.78 -8.51 -12.43
C ILE A 170 42.28 -8.47 -12.75
N ASN A 171 42.92 -7.33 -12.55
CA ASN A 171 44.32 -7.12 -12.87
C ASN A 171 45.15 -7.20 -11.59
N ASN A 172 44.59 -7.78 -10.53
CA ASN A 172 45.32 -8.01 -9.29
C ASN A 172 45.92 -6.75 -8.65
N GLU A 173 45.23 -5.64 -8.81
CA GLU A 173 45.67 -4.38 -8.23
C GLU A 173 44.96 -4.05 -6.92
N LEU A 174 44.07 -4.91 -6.45
CA LEU A 174 43.33 -4.62 -5.22
C LEU A 174 43.31 -5.93 -4.46
N GLN A 175 43.89 -5.91 -3.27
CA GLN A 175 43.98 -7.08 -2.40
C GLN A 175 42.86 -7.08 -1.33
N PRO A 176 42.21 -8.24 -1.14
CA PRO A 176 41.05 -8.26 -0.25
C PRO A 176 41.49 -8.44 1.18
N LYS A 177 40.55 -8.32 2.11
CA LYS A 177 40.80 -8.43 3.56
C LYS A 177 39.78 -9.33 4.22
N LEU A 178 40.13 -10.02 5.29
CA LEU A 178 39.20 -10.89 5.96
C LEU A 178 38.02 -10.09 6.42
N PRO A 179 36.81 -10.68 6.44
CA PRO A 179 35.68 -10.02 7.10
C PRO A 179 35.98 -9.84 8.61
N SER A 180 35.39 -8.82 9.20
CA SER A 180 35.60 -8.48 10.61
C SER A 180 35.10 -9.49 11.67
N GLN A 181 34.20 -10.36 11.22
CA GLN A 181 33.65 -11.46 12.01
C GLN A 181 33.00 -12.45 11.05
N GLU A 182 32.72 -13.63 11.58
CA GLU A 182 31.92 -14.64 10.94
C GLU A 182 30.58 -14.13 10.43
N GLY A 183 29.91 -13.28 11.21
CA GLY A 183 28.60 -12.76 10.82
C GLY A 183 27.49 -13.76 10.88
N ASN A 184 26.39 -13.40 10.21
CA ASN A 184 25.12 -14.09 10.35
C ASN A 184 24.56 -14.31 8.96
N TYR A 185 24.02 -15.50 8.70
CA TYR A 185 23.52 -15.90 7.40
C TYR A 185 22.00 -16.04 7.52
N ASN A 186 21.23 -15.41 6.64
CA ASN A 186 19.79 -15.66 6.59
C ASN A 186 19.43 -16.56 5.44
N SER A 187 18.63 -17.57 5.74
CA SER A 187 18.26 -18.47 4.69
C SER A 187 16.91 -18.09 4.09
N ILE A 188 16.52 -18.82 3.05
CA ILE A 188 15.22 -18.62 2.42
C ILE A 188 14.13 -19.04 3.38
N GLN A 189 14.35 -20.08 4.17
CA GLN A 189 13.34 -20.48 5.14
C GLN A 189 13.13 -19.41 6.22
N ASP A 190 14.22 -18.71 6.56
CA ASP A 190 14.16 -17.59 7.49
C ASP A 190 13.26 -16.46 6.94
N PHE A 191 13.39 -16.20 5.65
CA PHE A 191 12.55 -15.18 5.01
C PHE A 191 11.09 -15.66 5.07
N ASN A 192 10.90 -16.90 4.69
CA ASN A 192 9.52 -17.40 4.70
C ASN A 192 8.82 -17.44 6.08
N LYS A 193 9.56 -17.66 7.14
CA LYS A 193 9.04 -17.50 8.49
C LYS A 193 8.58 -16.08 8.76
N LEU A 194 9.32 -15.09 8.26
CA LEU A 194 8.97 -13.70 8.55
C LEU A 194 7.68 -13.38 7.80
N CYS A 195 7.49 -13.95 6.62
CA CYS A 195 6.32 -13.75 5.79
C CYS A 195 5.01 -14.25 6.43
N LYS A 196 5.09 -15.33 7.21
CA LYS A 196 3.95 -15.93 7.87
C LYS A 196 3.64 -15.06 9.08
N LEU A 197 2.84 -14.02 8.91
CA LEU A 197 2.52 -13.13 10.00
C LEU A 197 1.80 -13.79 11.17
N ASN A 198 2.06 -13.31 12.38
CA ASN A 198 1.28 -13.78 13.52
C ASN A 198 0.43 -12.61 14.00
N LEU A 199 -0.86 -12.67 13.73
CA LEU A 199 -1.78 -11.59 14.05
C LEU A 199 -1.84 -11.34 15.56
N GLU A 200 -1.62 -12.39 16.37
CA GLU A 200 -1.49 -12.29 17.85
C GLU A 200 -0.15 -11.74 18.31
N ASP A 201 0.80 -11.49 17.42
CA ASP A 201 2.08 -11.00 17.90
C ASP A 201 1.87 -9.69 18.65
N ASN A 202 2.49 -9.58 19.80
CA ASN A 202 2.45 -8.32 20.55
C ASN A 202 3.76 -7.53 20.36
N GLY A 203 3.64 -6.25 20.02
CA GLY A 203 4.79 -5.41 19.68
C GLY A 203 4.42 -3.95 19.62
N SER A 204 5.40 -3.08 19.48
CA SER A 204 5.11 -1.68 19.27
C SER A 204 4.63 -1.47 17.83
N LEU A 205 3.88 -0.41 17.63
CA LEU A 205 3.54 -0.06 16.23
C LEU A 205 4.75 0.04 15.30
N ARG A 206 5.79 0.68 15.81
CA ARG A 206 7.10 0.73 15.17
C ARG A 206 7.52 -0.61 14.63
N GLU A 207 7.59 -1.56 15.56
CA GLU A 207 7.92 -2.94 15.27
C GLU A 207 7.10 -3.54 14.13
N HIS A 208 5.81 -3.30 14.18
CA HIS A 208 4.92 -3.88 13.16
C HIS A 208 5.06 -3.17 11.81
N ILE A 209 5.32 -1.86 11.85
CA ILE A 209 5.49 -1.12 10.61
C ILE A 209 6.82 -1.52 10.01
N ASP A 210 7.83 -1.68 10.86
CA ASP A 210 9.08 -2.18 10.34
C ASP A 210 8.98 -3.55 9.71
N LEU A 211 8.23 -4.46 10.29
CA LEU A 211 8.12 -5.79 9.71
C LEU A 211 7.45 -5.69 8.38
N LEU A 212 6.44 -4.82 8.26
CA LEU A 212 5.70 -4.76 7.00
C LEU A 212 6.50 -4.00 5.93
N ARG A 213 7.23 -2.94 6.28
CA ARG A 213 8.12 -2.38 5.27
C ARG A 213 9.32 -3.23 4.81
N ALA A 214 9.82 -4.11 5.69
CA ALA A 214 10.87 -5.06 5.33
C ALA A 214 10.33 -6.03 4.30
N LEU A 215 9.02 -6.34 4.38
CA LEU A 215 8.37 -7.27 3.48
C LEU A 215 7.64 -6.73 2.24
N THR A 216 7.74 -5.43 2.05
CA THR A 216 7.16 -4.74 0.93
C THR A 216 8.20 -4.47 -0.11
N HIS A 217 7.99 -5.07 -1.29
CA HIS A 217 8.95 -5.03 -2.37
C HIS A 217 8.25 -5.24 -3.70
N GLY A 218 7.65 -4.16 -4.18
CA GLY A 218 6.97 -4.15 -5.48
C GLY A 218 5.86 -5.17 -5.47
N ASP A 219 5.84 -6.02 -6.48
CA ASP A 219 4.75 -6.96 -6.69
C ASP A 219 4.97 -8.31 -6.09
N PHE A 220 6.10 -8.58 -5.45
CA PHE A 220 6.27 -9.85 -4.75
C PHE A 220 5.22 -10.02 -3.68
N LYS A 221 4.75 -11.26 -3.52
CA LYS A 221 3.69 -11.55 -2.57
C LYS A 221 4.42 -12.11 -1.37
N ASN A 222 4.62 -11.29 -0.33
CA ASN A 222 5.46 -11.79 0.78
C ASN A 222 4.63 -12.03 2.06
N ALA A 223 4.30 -10.94 2.74
CA ALA A 223 3.71 -11.07 4.09
C ALA A 223 2.25 -11.48 3.89
N TYR A 224 1.85 -12.44 4.67
CA TYR A 224 0.43 -12.88 4.74
C TYR A 224 -0.03 -13.33 6.11
N PHE A 225 -1.32 -13.14 6.29
CA PHE A 225 -2.05 -13.83 7.33
C PHE A 225 -3.24 -14.65 6.85
N TYR A 226 -3.74 -15.51 7.75
CA TYR A 226 -4.96 -16.22 7.47
C TYR A 226 -6.06 -15.66 8.36
N ASP A 227 -7.20 -15.39 7.79
CA ASP A 227 -8.27 -14.83 8.52
C ASP A 227 -9.07 -15.95 9.18
N GLU A 228 -10.23 -15.58 9.69
CA GLU A 228 -11.16 -16.49 10.37
C GLU A 228 -11.65 -17.69 9.59
N ASN A 229 -11.82 -17.49 8.29
CA ASN A 229 -12.25 -18.54 7.41
C ASN A 229 -11.08 -19.15 6.68
N ASN A 230 -9.86 -18.95 7.19
CA ASN A 230 -8.62 -19.44 6.58
C ASN A 230 -8.40 -18.94 5.12
N THR A 231 -8.83 -17.71 4.86
CA THR A 231 -8.53 -17.05 3.61
C THR A 231 -7.15 -16.44 3.80
N LYS A 232 -6.30 -16.64 2.81
CA LYS A 232 -4.95 -16.06 2.82
C LYS A 232 -4.99 -14.62 2.33
N VAL A 233 -4.47 -13.67 3.10
CA VAL A 233 -4.48 -12.22 2.78
C VAL A 233 -3.05 -11.68 2.86
N PHE A 234 -2.57 -11.17 1.73
CA PHE A 234 -1.24 -10.57 1.66
C PHE A 234 -1.26 -9.10 2.07
N VAL A 235 -0.17 -8.66 2.69
CA VAL A 235 -0.10 -7.34 3.28
C VAL A 235 1.16 -6.66 2.82
N LYS A 236 0.97 -5.45 2.30
CA LYS A 236 2.05 -4.51 2.02
C LYS A 236 1.78 -3.16 2.70
N ILE A 237 2.82 -2.39 2.96
CA ILE A 237 2.59 -1.04 3.49
C ILE A 237 3.09 0.00 2.50
N GLU A 238 2.54 1.20 2.56
CA GLU A 238 3.03 2.34 1.76
C GLU A 238 3.34 3.46 2.76
N LEU A 239 4.54 4.01 2.64
CA LEU A 239 5.04 5.04 3.50
C LEU A 239 5.34 6.23 2.60
N SER A 240 4.94 7.42 2.96
CA SER A 240 5.16 8.48 2.01
C SER A 240 5.36 9.84 2.65
N LEU A 241 6.31 10.56 2.09
CA LEU A 241 6.52 11.94 2.45
C LEU A 241 5.54 12.71 1.56
N MET B 1 -48.35 17.97 -8.79
CA MET B 1 -46.89 17.86 -8.69
C MET B 1 -46.35 18.39 -7.35
N LYS B 2 -45.08 18.09 -7.10
CA LYS B 2 -44.43 18.51 -5.85
C LYS B 2 -43.11 19.11 -6.25
N LYS B 3 -42.62 20.01 -5.41
CA LYS B 3 -41.27 20.51 -5.57
C LYS B 3 -40.43 19.85 -4.51
N ILE B 4 -39.24 19.43 -4.94
CA ILE B 4 -38.29 18.74 -4.09
C ILE B 4 -36.92 19.42 -4.18
N LEU B 5 -36.22 19.51 -3.05
CA LEU B 5 -34.91 20.14 -3.04
C LEU B 5 -33.94 19.06 -2.60
N VAL B 6 -32.92 18.84 -3.44
CA VAL B 6 -31.88 17.92 -3.01
C VAL B 6 -30.61 18.74 -2.80
N ILE B 7 -30.07 18.62 -1.60
CA ILE B 7 -28.76 19.20 -1.21
C ILE B 7 -27.78 18.03 -0.97
N SER B 8 -26.78 18.00 -1.85
CA SER B 8 -25.83 16.91 -1.88
C SER B 8 -24.47 17.49 -2.25
N ASP B 9 -23.47 16.95 -1.57
CA ASP B 9 -22.10 17.11 -2.03
C ASP B 9 -21.40 15.85 -2.52
N ASN B 10 -22.18 14.83 -2.92
CA ASN B 10 -21.65 13.56 -3.47
C ASN B 10 -22.16 13.34 -4.90
N TYR B 11 -21.22 13.40 -5.84
CA TYR B 11 -21.45 13.17 -7.24
C TYR B 11 -22.22 11.89 -7.49
N GLN B 12 -21.80 10.79 -6.90
CA GLN B 12 -22.49 9.52 -7.23
C GLN B 12 -23.98 9.48 -6.83
N LEU B 13 -24.34 9.94 -5.64
CA LEU B 13 -25.72 9.87 -5.23
C LEU B 13 -26.61 10.85 -6.00
N VAL B 14 -26.14 12.08 -6.22
CA VAL B 14 -26.94 13.00 -6.98
C VAL B 14 -27.11 12.56 -8.44
N SER B 15 -26.04 12.03 -9.02
CA SER B 15 -26.14 11.51 -10.38
CA SER B 15 -26.15 11.51 -10.36
C SER B 15 -27.17 10.39 -10.43
N TYR B 16 -27.20 9.59 -9.36
CA TYR B 16 -28.07 8.42 -9.35
C TYR B 16 -29.52 8.88 -9.24
N ILE B 17 -29.75 9.84 -8.35
CA ILE B 17 -31.09 10.40 -8.29
C ILE B 17 -31.58 11.02 -9.59
N LYS B 18 -30.73 11.81 -10.22
CA LYS B 18 -30.97 12.38 -11.54
C LYS B 18 -31.30 11.31 -12.58
N ASN B 19 -30.57 10.22 -12.52
CA ASN B 19 -30.81 9.17 -13.50
C ASN B 19 -32.13 8.44 -13.31
N LEU B 20 -32.54 8.27 -12.05
CA LEU B 20 -33.84 7.67 -11.73
C LEU B 20 -34.99 8.53 -12.22
N TYR B 21 -34.82 9.85 -12.11
CA TYR B 21 -35.82 10.78 -12.61
C TYR B 21 -35.96 10.70 -14.14
N LEU B 22 -34.83 10.64 -14.85
CA LEU B 22 -34.85 10.57 -16.29
C LEU B 22 -35.32 9.20 -16.84
N SER B 23 -35.44 8.20 -16.00
CA SER B 23 -35.77 6.86 -16.49
C SER B 23 -37.04 6.35 -15.84
N ASN B 24 -37.65 7.15 -14.97
CA ASN B 24 -38.83 6.64 -14.31
C ASN B 24 -39.93 7.65 -14.47
N GLU B 25 -40.97 7.28 -15.19
CA GLU B 25 -42.00 8.25 -15.50
C GLU B 25 -42.80 8.69 -14.28
N GLU B 26 -42.98 7.84 -13.27
CA GLU B 26 -43.65 8.26 -12.04
C GLU B 26 -42.93 9.47 -11.45
N TRP B 27 -41.60 9.44 -11.43
CA TRP B 27 -40.81 10.57 -10.93
C TRP B 27 -41.08 11.83 -11.76
N SER B 28 -40.92 11.73 -13.08
CA SER B 28 -40.93 12.91 -13.94
C SER B 28 -42.31 13.55 -14.16
N LYS B 29 -43.38 12.77 -14.01
CA LYS B 29 -44.75 13.30 -14.13
C LYS B 29 -45.22 13.95 -12.82
N GLU B 30 -44.57 13.61 -11.71
CA GLU B 30 -45.00 14.05 -10.39
C GLU B 30 -44.06 15.12 -9.77
N LEU B 31 -42.78 15.11 -10.14
CA LEU B 31 -41.80 15.90 -9.41
C LEU B 31 -41.02 16.92 -10.24
N PHE B 32 -40.88 18.08 -9.59
CA PHE B 32 -39.89 19.09 -9.92
C PHE B 32 -38.80 18.94 -8.85
N ILE B 33 -37.54 18.90 -9.30
CA ILE B 33 -36.39 18.69 -8.42
C ILE B 33 -35.31 19.70 -8.75
N ASP B 34 -34.99 20.52 -7.74
CA ASP B 34 -33.85 21.41 -7.75
C ASP B 34 -32.71 20.69 -7.03
N TYR B 35 -31.47 20.93 -7.43
CA TYR B 35 -30.35 20.26 -6.81
C TYR B 35 -29.34 21.38 -6.48
N SER B 36 -28.78 21.35 -5.29
CA SER B 36 -27.75 22.29 -4.86
C SER B 36 -26.66 21.58 -4.09
N TYR B 37 -25.44 22.10 -4.16
CA TYR B 37 -24.31 21.65 -3.37
C TYR B 37 -24.14 22.71 -2.30
N SER B 38 -23.31 22.42 -1.31
CA SER B 38 -23.12 23.32 -0.18
C SER B 38 -22.08 24.38 -0.53
N SER B 39 -22.32 25.58 -0.05
CA SER B 39 -21.36 26.69 -0.14
C SER B 39 -20.00 26.36 0.45
N ILE B 40 -19.87 25.45 1.41
CA ILE B 40 -18.55 25.16 1.96
C ILE B 40 -17.79 24.05 1.25
N ASN B 41 -18.39 23.48 0.22
CA ASN B 41 -17.71 22.47 -0.60
C ASN B 41 -16.49 23.16 -1.24
N ARG B 42 -15.27 22.66 -0.96
CA ARG B 42 -14.06 23.26 -1.51
C ARG B 42 -13.77 22.81 -2.92
N ASN B 43 -14.23 21.63 -3.35
CA ASN B 43 -14.17 21.27 -4.77
C ASN B 43 -15.49 20.87 -5.42
N PRO B 44 -16.34 21.84 -5.74
CA PRO B 44 -17.60 21.40 -6.33
C PRO B 44 -17.66 21.29 -7.82
N GLN B 45 -16.55 21.24 -8.56
CA GLN B 45 -16.63 21.31 -10.03
C GLN B 45 -17.57 20.28 -10.63
N SER B 46 -17.39 19.02 -10.24
CA SER B 46 -18.12 17.91 -10.85
C SER B 46 -19.65 18.07 -10.68
N LEU B 47 -20.00 18.79 -9.62
CA LEU B 47 -21.41 19.05 -9.31
C LEU B 47 -21.87 20.25 -10.15
N ILE B 48 -21.04 21.27 -10.23
CA ILE B 48 -21.34 22.42 -11.08
C ILE B 48 -21.49 21.94 -12.53
N GLU B 49 -20.67 20.96 -12.92
CA GLU B 49 -20.80 20.38 -14.24
C GLU B 49 -22.21 19.84 -14.52
N LEU B 50 -22.91 19.34 -13.51
CA LEU B 50 -24.31 18.93 -13.67
C LEU B 50 -25.35 20.05 -13.55
N GLY B 51 -24.91 21.29 -13.63
CA GLY B 51 -25.84 22.41 -13.50
C GLY B 51 -26.38 22.70 -12.11
N MET B 52 -25.94 22.01 -11.07
CA MET B 52 -26.37 22.32 -9.70
C MET B 52 -26.02 23.72 -9.25
N THR B 53 -26.77 24.27 -8.30
CA THR B 53 -26.54 25.62 -7.79
C THR B 53 -25.98 25.53 -6.39
N GLU B 54 -25.25 26.55 -5.93
CA GLU B 54 -24.79 26.55 -4.53
C GLU B 54 -25.90 26.89 -3.55
N ILE B 55 -25.88 26.32 -2.34
CA ILE B 55 -26.79 26.74 -1.30
C ILE B 55 -26.04 26.73 0.01
N ASP B 56 -26.37 27.72 0.83
CA ASP B 56 -25.84 27.74 2.17
C ASP B 56 -27.05 27.54 3.06
N ILE B 57 -27.22 26.33 3.54
CA ILE B 57 -28.42 26.02 4.34
C ILE B 57 -28.45 26.61 5.75
N LYS B 58 -27.29 26.92 6.30
CA LYS B 58 -27.22 27.65 7.54
C LYS B 58 -27.68 29.11 7.46
N ASN B 59 -27.66 29.69 6.27
CA ASN B 59 -28.13 31.07 6.10
C ASN B 59 -29.34 31.20 5.18
N LYS B 60 -29.98 30.10 4.87
CA LYS B 60 -31.08 30.13 3.92
C LYS B 60 -32.36 30.56 4.66
N ASN B 61 -33.05 31.55 4.12
CA ASN B 61 -34.21 32.06 4.80
C ASN B 61 -35.31 31.07 4.61
N LEU B 62 -35.97 30.69 5.71
CA LEU B 62 -37.11 29.78 5.74
C LEU B 62 -38.15 30.08 4.68
N ASN B 63 -38.43 31.37 4.55
CA ASN B 63 -39.29 31.99 3.55
C ASN B 63 -39.14 31.61 2.08
N GLU B 64 -37.89 31.40 1.69
CA GLU B 64 -37.52 30.97 0.38
C GLU B 64 -37.63 29.46 0.17
N LEU B 65 -38.07 28.73 1.18
CA LEU B 65 -38.20 27.29 1.08
C LEU B 65 -39.65 26.84 1.09
N ASN B 66 -40.61 27.76 0.99
CA ASN B 66 -42.00 27.36 1.19
C ASN B 66 -42.52 26.35 0.18
N ASP B 67 -42.09 26.43 -1.08
CA ASP B 67 -42.63 25.55 -2.12
C ASP B 67 -42.34 24.08 -1.89
N TYR B 68 -41.23 23.77 -1.22
CA TYR B 68 -40.67 22.41 -1.18
C TYR B 68 -41.49 21.48 -0.36
N HIS B 69 -41.95 20.39 -0.97
CA HIS B 69 -42.70 19.39 -0.21
C HIS B 69 -41.77 18.83 0.86
N LEU B 70 -40.52 18.66 0.47
CA LEU B 70 -39.48 18.21 1.40
C LEU B 70 -38.09 18.46 0.86
N ILE B 71 -37.14 18.29 1.76
CA ILE B 71 -35.72 18.53 1.45
C ILE B 71 -34.94 17.21 1.69
N ILE B 72 -34.10 16.84 0.71
CA ILE B 72 -33.25 15.66 0.88
C ILE B 72 -31.79 16.08 1.00
N SER B 73 -31.11 15.58 2.02
CA SER B 73 -29.67 15.72 2.22
C SER B 73 -29.08 14.36 1.84
N ALA B 74 -28.29 14.36 0.78
CA ALA B 74 -27.52 13.21 0.38
C ALA B 74 -26.01 13.55 0.55
N HIS B 75 -25.45 13.23 1.70
CA HIS B 75 -24.03 13.51 1.99
C HIS B 75 -23.78 15.03 1.88
N CYS B 76 -24.64 15.80 2.57
CA CYS B 76 -24.52 17.26 2.67
C CYS B 76 -23.40 17.55 3.68
N LYS B 77 -22.60 18.58 3.41
CA LYS B 77 -21.45 18.87 4.29
C LYS B 77 -21.78 19.81 5.43
N GLN B 78 -23.02 20.26 5.47
CA GLN B 78 -23.48 21.19 6.50
C GLN B 78 -24.51 20.57 7.41
N ILE B 79 -24.42 20.92 8.69
CA ILE B 79 -25.45 20.64 9.67
C ILE B 79 -26.62 21.58 9.38
N PHE B 80 -27.83 21.04 9.21
CA PHE B 80 -29.01 21.86 9.00
C PHE B 80 -29.35 22.49 10.37
N PRO B 81 -29.59 23.80 10.36
CA PRO B 81 -29.94 24.38 11.66
C PRO B 81 -31.25 23.79 12.23
N ALA B 82 -31.44 23.89 13.53
CA ALA B 82 -32.73 23.57 14.11
C ALA B 82 -33.94 24.14 13.42
N HIS B 83 -33.92 25.44 13.14
CA HIS B 83 -35.04 26.05 12.50
C HIS B 83 -35.42 25.47 11.16
N ILE B 84 -34.45 24.93 10.42
CA ILE B 84 -34.79 24.31 9.15
C ILE B 84 -35.49 22.96 9.35
N VAL B 85 -34.88 22.08 10.13
CA VAL B 85 -35.35 20.72 10.28
C VAL B 85 -36.67 20.71 11.06
N ASN B 86 -36.92 21.72 11.89
CA ASN B 86 -38.15 21.71 12.71
C ASN B 86 -39.32 22.34 11.97
N ASN B 87 -39.07 23.10 10.92
CA ASN B 87 -40.11 23.69 10.09
C ASN B 87 -40.27 23.20 8.62
N LYS B 88 -39.39 22.31 8.16
CA LYS B 88 -39.50 21.66 6.85
C LYS B 88 -39.20 20.18 7.08
N LEU B 89 -39.90 19.30 6.40
CA LEU B 89 -39.59 17.87 6.35
C LEU B 89 -38.22 17.69 5.71
N CYS B 90 -37.25 17.26 6.50
CA CYS B 90 -35.88 17.10 5.93
C CYS B 90 -35.44 15.65 6.10
N ILE B 91 -34.88 15.05 5.07
CA ILE B 91 -34.60 13.64 5.06
C ILE B 91 -33.14 13.48 4.65
N ASN B 92 -32.40 12.64 5.39
CA ASN B 92 -30.96 12.49 5.18
C ASN B 92 -30.65 11.08 4.69
N ILE B 93 -29.72 10.97 3.75
CA ILE B 93 -29.23 9.67 3.27
C ILE B 93 -27.82 9.49 3.86
N HIS B 94 -27.69 8.62 4.86
CA HIS B 94 -26.52 8.54 5.70
C HIS B 94 -25.73 7.26 5.50
N PRO B 95 -24.40 7.39 5.34
CA PRO B 95 -23.55 6.20 5.06
C PRO B 95 -23.10 5.42 6.31
N GLY B 96 -24.04 5.09 7.18
CA GLY B 96 -23.78 4.34 8.39
C GLY B 96 -25.11 3.72 8.80
N LEU B 97 -25.01 2.75 9.69
CA LEU B 97 -26.18 2.09 10.25
C LEU B 97 -26.52 2.77 11.56
N ASN B 98 -27.42 3.74 11.53
CA ASN B 98 -27.83 4.37 12.78
C ASN B 98 -28.44 3.30 13.69
N PRO B 99 -28.23 3.43 15.01
CA PRO B 99 -27.55 4.55 15.69
C PRO B 99 -26.07 4.28 15.99
N TYR B 100 -25.46 3.37 15.21
CA TYR B 100 -24.09 2.95 15.53
C TYR B 100 -23.13 3.82 14.71
N ASN B 101 -22.14 4.35 15.41
CA ASN B 101 -21.12 5.17 14.78
C ASN B 101 -21.69 6.28 13.95
N ARG B 102 -22.65 6.98 14.52
CA ARG B 102 -23.18 8.17 13.88
C ARG B 102 -22.07 9.20 13.75
N GLY B 103 -22.27 10.21 12.91
CA GLY B 103 -21.25 11.23 12.74
C GLY B 103 -20.27 10.82 11.66
N TRP B 104 -18.98 11.08 11.89
CA TRP B 104 -18.00 11.09 10.81
C TRP B 104 -17.51 9.71 10.41
N PHE B 105 -17.52 9.48 9.09
CA PHE B 105 -16.88 8.32 8.46
C PHE B 105 -17.21 7.04 9.21
N PRO B 106 -18.48 6.61 9.20
CA PRO B 106 -18.82 5.47 10.01
C PRO B 106 -18.00 4.18 9.80
N GLN B 107 -17.70 3.87 8.54
CA GLN B 107 -16.97 2.63 8.24
C GLN B 107 -15.56 2.64 8.85
N VAL B 108 -14.90 3.78 8.96
CA VAL B 108 -13.61 3.84 9.65
C VAL B 108 -13.80 3.38 11.09
N PHE B 109 -14.79 3.94 11.79
CA PHE B 109 -14.99 3.48 13.16
C PHE B 109 -15.44 2.04 13.30
N SER B 110 -16.31 1.56 12.43
CA SER B 110 -16.78 0.17 12.51
C SER B 110 -15.65 -0.84 12.27
N ILE B 111 -14.70 -0.53 11.39
CA ILE B 111 -13.56 -1.43 11.19
C ILE B 111 -12.80 -1.61 12.47
N LEU B 112 -12.73 -0.57 13.30
CA LEU B 112 -12.00 -0.58 14.57
C LEU B 112 -12.78 -1.09 15.75
N ASN B 113 -14.05 -0.66 15.86
CA ASN B 113 -14.87 -1.05 17.02
C ASN B 113 -15.94 -2.14 16.81
N LYS B 114 -16.02 -2.66 15.60
CA LYS B 114 -16.83 -3.81 15.28
C LYS B 114 -18.33 -3.58 15.40
N LYS B 115 -18.78 -2.34 15.56
CA LYS B 115 -20.22 -2.14 15.51
C LYS B 115 -20.67 -2.17 14.05
N PRO B 116 -21.95 -2.50 13.82
CA PRO B 116 -22.55 -2.55 12.53
C PRO B 116 -22.33 -1.36 11.66
N ILE B 117 -22.18 -1.65 10.37
CA ILE B 117 -22.03 -0.66 9.34
C ILE B 117 -23.08 -0.96 8.29
N GLY B 118 -23.42 0.06 7.50
CA GLY B 118 -24.56 0.02 6.61
C GLY B 118 -24.94 1.41 6.10
N ALA B 119 -26.19 1.54 5.63
CA ALA B 119 -26.74 2.74 5.09
C ALA B 119 -28.13 2.97 5.67
N THR B 120 -28.50 4.23 5.90
CA THR B 120 -29.73 4.60 6.59
C THR B 120 -30.36 5.81 5.93
N ILE B 121 -31.63 5.72 5.48
CA ILE B 121 -32.45 6.91 5.19
C ILE B 121 -33.34 7.27 6.41
N HIS B 122 -33.23 8.51 6.89
CA HIS B 122 -33.86 8.87 8.15
C HIS B 122 -34.29 10.33 8.13
N LYS B 123 -35.28 10.62 8.97
CA LYS B 123 -35.77 11.98 9.11
C LYS B 123 -34.70 12.77 9.84
N MET B 124 -34.55 14.04 9.51
CA MET B 124 -33.57 14.83 10.28
C MET B 124 -34.29 15.57 11.37
N ASP B 125 -33.70 15.47 12.54
CA ASP B 125 -33.94 16.42 13.60
C ASP B 125 -32.69 17.30 13.82
N SER B 126 -32.65 17.99 14.96
CA SER B 126 -31.68 19.07 15.19
C SER B 126 -30.29 18.50 15.49
N GLU B 127 -30.30 17.22 15.87
CA GLU B 127 -29.12 16.38 16.12
C GLU B 127 -28.59 15.67 14.88
N VAL B 128 -27.37 15.17 15.00
CA VAL B 128 -26.73 14.65 13.79
C VAL B 128 -27.11 13.19 13.67
N ASP B 129 -27.73 12.78 12.58
CA ASP B 129 -27.83 11.34 12.29
C ASP B 129 -28.60 10.64 13.41
N HIS B 130 -29.76 11.21 13.72
CA HIS B 130 -30.43 10.99 15.00
C HIS B 130 -31.93 10.73 14.84
N GLY B 131 -32.54 11.22 13.76
CA GLY B 131 -34.02 11.26 13.63
C GLY B 131 -34.56 9.90 13.23
N GLU B 132 -35.88 9.81 13.04
CA GLU B 132 -36.49 8.50 12.90
C GLU B 132 -36.09 7.85 11.59
N ILE B 133 -36.01 6.54 11.61
CA ILE B 133 -35.43 5.83 10.47
C ILE B 133 -36.51 5.34 9.53
N TYR B 134 -36.42 5.64 8.24
CA TYR B 134 -37.34 5.07 7.28
C TYR B 134 -36.97 3.67 6.79
N CYS B 135 -35.72 3.49 6.35
CA CYS B 135 -35.18 2.19 5.99
C CYS B 135 -33.67 2.20 6.31
N GLN B 136 -33.10 1.02 6.51
CA GLN B 136 -31.65 0.92 6.53
C GLN B 136 -31.28 -0.54 6.29
N GLU B 137 -30.01 -0.82 6.07
CA GLU B 137 -29.61 -2.21 5.81
C GLU B 137 -28.15 -2.22 6.22
N GLU B 138 -27.74 -3.36 6.73
CA GLU B 138 -26.35 -3.63 7.03
C GLU B 138 -25.47 -4.09 5.81
N VAL B 139 -24.15 -3.88 5.87
CA VAL B 139 -23.19 -4.50 4.91
C VAL B 139 -22.10 -5.12 5.75
N SER B 140 -21.32 -6.05 5.23
CA SER B 140 -20.29 -6.74 6.03
C SER B 140 -18.90 -6.10 5.85
N ILE B 141 -18.03 -6.37 6.83
CA ILE B 141 -16.62 -5.98 6.73
C ILE B 141 -15.78 -7.26 6.66
N LEU B 142 -15.08 -7.47 5.56
CA LEU B 142 -14.21 -8.65 5.42
C LEU B 142 -12.76 -8.30 5.79
N SER B 143 -11.96 -9.32 6.06
CA SER B 143 -10.64 -9.16 6.70
C SER B 143 -9.67 -8.33 5.84
N HIS B 144 -9.91 -8.36 4.54
CA HIS B 144 -9.01 -7.74 3.59
C HIS B 144 -9.42 -6.33 3.25
N GLU B 145 -10.47 -5.81 3.86
CA GLU B 145 -11.08 -4.61 3.36
C GLU B 145 -10.59 -3.39 4.12
N THR B 146 -10.43 -2.32 3.40
CA THR B 146 -10.15 -0.99 3.94
C THR B 146 -11.39 -0.08 3.93
N SER B 147 -11.21 1.08 4.51
CA SER B 147 -12.24 2.09 4.52
C SER B 147 -12.89 2.24 3.16
N ILE B 148 -12.08 2.50 2.13
CA ILE B 148 -12.64 2.76 0.81
C ILE B 148 -13.44 1.58 0.29
N ASP B 149 -13.01 0.37 0.63
CA ASP B 149 -13.77 -0.84 0.21
C ASP B 149 -15.19 -0.89 0.79
N ILE B 150 -15.31 -0.56 2.07
CA ILE B 150 -16.58 -0.67 2.80
C ILE B 150 -17.41 0.52 2.41
N TYR B 151 -16.76 1.68 2.28
CA TYR B 151 -17.44 2.86 1.81
C TYR B 151 -18.13 2.66 0.48
N ASN B 152 -17.37 2.14 -0.46
CA ASN B 152 -17.98 1.70 -1.70
C ASN B 152 -19.18 0.75 -1.59
N LYS B 153 -19.18 -0.21 -0.66
CA LYS B 153 -20.35 -1.03 -0.45
C LYS B 153 -21.57 -0.21 0.05
N VAL B 154 -21.27 0.72 0.94
CA VAL B 154 -22.28 1.58 1.54
C VAL B 154 -22.96 2.47 0.50
N ILE B 155 -22.18 2.98 -0.45
CA ILE B 155 -22.71 3.84 -1.47
C ILE B 155 -23.66 3.03 -2.35
N GLU B 156 -23.21 1.83 -2.70
CA GLU B 156 -24.06 0.96 -3.49
C GLU B 156 -25.34 0.65 -2.75
N LEU B 157 -25.22 0.39 -1.45
CA LEU B 157 -26.41 0.17 -0.61
C LEU B 157 -27.32 1.41 -0.58
N GLU B 158 -26.74 2.61 -0.50
CA GLU B 158 -27.52 3.84 -0.46
C GLU B 158 -28.34 3.96 -1.73
N LYS B 159 -27.71 3.62 -2.86
CA LYS B 159 -28.41 3.64 -4.12
C LYS B 159 -29.61 2.70 -4.11
N LYS B 160 -29.42 1.51 -3.52
CA LYS B 160 -30.52 0.56 -3.41
C LYS B 160 -31.67 1.13 -2.59
N LEU B 161 -31.33 1.65 -1.43
CA LEU B 161 -32.32 2.28 -0.59
C LEU B 161 -33.09 3.38 -1.30
N ILE B 162 -32.39 4.19 -2.08
CA ILE B 162 -33.03 5.31 -2.76
C ILE B 162 -34.00 4.73 -3.82
N LYS B 163 -33.50 3.81 -4.61
CA LYS B 163 -34.27 3.20 -5.68
C LYS B 163 -35.59 2.58 -5.20
N ASN B 164 -35.52 1.86 -4.07
CA ASN B 164 -36.66 1.13 -3.54
C ASN B 164 -37.55 1.92 -2.58
N ASN B 165 -37.03 2.98 -1.96
CA ASN B 165 -37.74 3.71 -0.88
C ASN B 165 -37.94 5.21 -1.08
N LEU B 166 -37.09 5.88 -1.85
CA LEU B 166 -37.18 7.35 -1.86
C LEU B 166 -38.52 7.87 -2.37
N LEU B 167 -39.07 7.31 -3.45
CA LEU B 167 -40.33 7.81 -3.95
C LEU B 167 -41.47 7.55 -2.97
N LYS B 168 -41.45 6.40 -2.31
CA LYS B 168 -42.44 6.12 -1.29
C LYS B 168 -42.36 7.11 -0.14
N ILE B 169 -41.14 7.50 0.25
CA ILE B 169 -41.01 8.47 1.34
C ILE B 169 -41.60 9.80 0.89
N ILE B 170 -41.25 10.21 -0.31
CA ILE B 170 -41.77 11.46 -0.85
C ILE B 170 -43.30 11.45 -0.91
N ASN B 171 -43.88 10.29 -1.26
CA ASN B 171 -45.35 10.12 -1.38
C ASN B 171 -46.01 9.76 -0.06
N ASN B 172 -45.27 9.92 1.04
CA ASN B 172 -45.78 9.64 2.38
C ASN B 172 -46.27 8.22 2.56
N GLU B 173 -45.68 7.32 1.77
CA GLU B 173 -46.07 5.90 1.77
C GLU B 173 -45.28 5.10 2.79
N LEU B 174 -44.13 5.63 3.20
CA LEU B 174 -43.31 4.94 4.19
C LEU B 174 -43.23 5.65 5.55
N GLN B 175 -43.47 4.90 6.61
CA GLN B 175 -43.54 5.46 7.97
C GLN B 175 -42.37 5.09 8.89
N PRO B 176 -41.67 6.10 9.40
CA PRO B 176 -40.40 5.88 10.11
C PRO B 176 -40.59 5.55 11.58
N LYS B 177 -39.54 5.11 12.27
CA LYS B 177 -39.60 4.60 13.65
C LYS B 177 -38.36 4.97 14.44
N LEU B 178 -38.50 5.15 15.76
CA LEU B 178 -37.41 5.72 16.55
C LEU B 178 -36.21 4.80 16.54
N PRO B 179 -34.99 5.36 16.54
CA PRO B 179 -33.89 4.40 16.67
C PRO B 179 -34.02 3.66 17.99
N SER B 180 -33.68 2.37 17.97
CA SER B 180 -33.65 1.54 19.18
C SER B 180 -32.90 2.16 20.37
N GLN B 181 -31.93 3.06 20.10
CA GLN B 181 -31.19 3.74 21.17
C GLN B 181 -30.39 4.97 20.71
N GLU B 182 -29.81 5.68 21.68
CA GLU B 182 -29.10 6.92 21.42
C GLU B 182 -27.92 6.68 20.47
N GLY B 183 -27.18 5.62 20.77
CA GLY B 183 -26.15 5.08 19.90
C GLY B 183 -24.81 5.66 20.30
N ASN B 184 -23.94 5.84 19.33
CA ASN B 184 -22.68 6.50 19.59
C ASN B 184 -22.27 7.38 18.42
N TYR B 185 -21.44 8.39 18.71
CA TYR B 185 -21.15 9.43 17.77
C TYR B 185 -19.64 9.62 17.77
N ASN B 186 -19.10 9.83 16.58
CA ASN B 186 -17.65 9.99 16.44
C ASN B 186 -17.46 11.31 15.73
N SER B 187 -16.54 12.14 16.24
CA SER B 187 -16.32 13.48 15.70
C SER B 187 -15.14 13.46 14.76
N ILE B 188 -14.96 14.57 14.05
CA ILE B 188 -13.71 14.82 13.39
C ILE B 188 -12.51 14.74 14.32
N GLN B 189 -12.56 15.23 15.57
CA GLN B 189 -11.39 15.13 16.46
C GLN B 189 -11.01 13.70 16.73
N ASP B 190 -12.02 12.84 16.88
CA ASP B 190 -11.79 11.43 17.07
C ASP B 190 -11.04 10.83 15.88
N PHE B 191 -11.49 11.14 14.67
CA PHE B 191 -10.78 10.69 13.47
C PHE B 191 -9.35 11.20 13.51
N ASN B 192 -9.18 12.51 13.72
CA ASN B 192 -7.82 13.04 13.89
C ASN B 192 -6.95 12.38 14.98
N LYS B 193 -7.53 11.96 16.10
CA LYS B 193 -6.66 11.32 17.10
C LYS B 193 -6.12 10.03 16.48
N LEU B 194 -7.01 9.28 15.83
CA LEU B 194 -6.61 8.00 15.23
C LEU B 194 -5.48 8.20 14.19
N CYS B 195 -5.54 9.30 13.43
CA CYS B 195 -4.56 9.55 12.38
C CYS B 195 -3.18 9.80 12.95
N LYS B 196 -3.10 10.40 14.13
CA LYS B 196 -1.82 10.68 14.74
C LYS B 196 -1.32 9.39 15.39
N LEU B 197 -0.57 8.61 14.61
CA LEU B 197 -0.02 7.35 15.09
C LEU B 197 0.99 7.52 16.21
N ASN B 198 1.05 6.51 17.06
CA ASN B 198 1.99 6.48 18.14
C ASN B 198 2.81 5.23 17.96
N LEU B 199 4.06 5.45 17.58
CA LEU B 199 4.95 4.38 17.20
C LEU B 199 5.30 3.49 18.41
N GLU B 200 5.18 4.08 19.59
CA GLU B 200 5.37 3.35 20.85
C GLU B 200 4.16 2.53 21.26
N ASP B 201 2.99 2.72 20.65
CA ASP B 201 1.85 1.92 21.04
C ASP B 201 2.15 0.42 21.07
N ASN B 202 1.76 -0.24 22.16
CA ASN B 202 1.85 -1.69 22.28
C ASN B 202 0.51 -2.35 21.96
N GLY B 203 0.53 -3.32 21.05
CA GLY B 203 -0.71 -3.97 20.66
C GLY B 203 -0.45 -5.20 19.82
N SER B 204 -1.52 -5.94 19.50
CA SER B 204 -1.41 -7.02 18.56
C SER B 204 -1.14 -6.49 17.14
N LEU B 205 -0.48 -7.31 16.34
CA LEU B 205 -0.36 -7.03 14.87
C LEU B 205 -1.76 -6.86 14.33
N ARG B 206 -2.69 -7.70 14.76
CA ARG B 206 -4.10 -7.55 14.31
C ARG B 206 -4.61 -6.14 14.57
N GLU B 207 -4.34 -5.65 15.78
CA GLU B 207 -4.92 -4.37 16.10
C GLU B 207 -4.28 -3.27 15.20
N HIS B 208 -3.00 -3.37 14.97
CA HIS B 208 -2.26 -2.39 14.17
C HIS B 208 -2.63 -2.41 12.69
N ILE B 209 -2.70 -3.58 12.07
CA ILE B 209 -3.31 -3.73 10.70
C ILE B 209 -4.74 -3.16 10.56
N ASP B 210 -5.54 -3.33 11.60
CA ASP B 210 -6.94 -2.88 11.56
C ASP B 210 -6.99 -1.35 11.56
N LEU B 211 -6.11 -0.76 12.35
CA LEU B 211 -5.95 0.71 12.44
C LEU B 211 -5.51 1.20 11.09
N LEU B 212 -4.43 0.61 10.55
CA LEU B 212 -4.01 1.06 9.22
C LEU B 212 -5.08 0.88 8.12
N ARG B 213 -5.83 -0.21 8.14
CA ARG B 213 -6.86 -0.38 7.10
C ARG B 213 -8.10 0.52 7.25
N ALA B 214 -8.49 0.81 8.49
CA ALA B 214 -9.54 1.78 8.78
C ALA B 214 -9.15 3.16 8.21
N LEU B 215 -7.85 3.43 8.21
CA LEU B 215 -7.32 4.73 7.82
C LEU B 215 -6.82 4.80 6.38
N THR B 216 -7.08 3.72 5.66
CA THR B 216 -6.70 3.64 4.24
C THR B 216 -7.87 3.91 3.32
N HIS B 217 -7.78 5.03 2.61
CA HIS B 217 -8.88 5.45 1.77
C HIS B 217 -8.44 6.21 0.55
N GLY B 218 -8.12 5.48 -0.51
CA GLY B 218 -7.69 6.13 -1.79
C GLY B 218 -6.47 7.02 -1.57
N ASP B 219 -6.46 8.22 -2.15
CA ASP B 219 -5.35 9.16 -1.92
C ASP B 219 -5.50 10.07 -0.70
N PHE B 220 -6.51 9.92 0.14
CA PHE B 220 -6.58 10.75 1.31
C PHE B 220 -5.31 10.47 2.10
N LYS B 221 -4.75 11.54 2.68
CA LYS B 221 -3.55 11.50 3.51
C LYS B 221 -4.02 11.43 4.94
N ASN B 222 -4.00 10.25 5.56
CA ASN B 222 -4.66 10.12 6.88
C ASN B 222 -3.66 9.82 7.96
N ALA B 223 -3.29 8.55 8.09
CA ALA B 223 -2.37 8.13 9.13
C ALA B 223 -0.95 8.60 8.93
N TYR B 224 -0.38 9.14 9.99
CA TYR B 224 1.02 9.58 9.95
C TYR B 224 1.73 9.35 11.26
N PHE B 225 3.04 9.27 11.10
CA PHE B 225 3.93 9.35 12.22
C PHE B 225 4.96 10.43 11.96
N TYR B 226 5.62 10.85 13.03
CA TYR B 226 6.83 11.67 12.92
C TYR B 226 8.04 10.79 13.27
N ASP B 227 9.11 10.90 12.51
CA ASP B 227 10.25 10.05 12.71
C ASP B 227 11.22 10.80 13.63
N GLU B 228 12.40 10.22 13.84
CA GLU B 228 13.35 10.75 14.84
C GLU B 228 13.86 12.16 14.50
N ASN B 229 13.77 12.57 13.24
CA ASN B 229 14.13 13.93 12.80
C ASN B 229 12.96 14.85 12.58
N ASN B 230 11.80 14.50 13.14
CA ASN B 230 10.55 15.17 12.92
C ASN B 230 10.08 15.31 11.49
N THR B 231 10.45 14.37 10.63
CA THR B 231 9.85 14.23 9.32
C THR B 231 8.44 13.55 9.40
N LYS B 232 7.42 14.14 8.79
CA LYS B 232 6.10 13.52 8.76
C LYS B 232 6.01 12.46 7.67
N VAL B 233 5.54 11.27 8.04
CA VAL B 233 5.47 10.14 7.12
C VAL B 233 4.03 9.65 7.14
N PHE B 234 3.33 9.61 6.01
CA PHE B 234 1.99 8.99 6.01
C PHE B 234 2.09 7.52 5.69
N VAL B 235 1.09 6.78 6.13
CA VAL B 235 1.14 5.32 6.14
C VAL B 235 -0.19 4.82 5.67
N LYS B 236 -0.18 3.99 4.63
CA LYS B 236 -1.33 3.19 4.36
C LYS B 236 -0.99 1.76 4.12
N ILE B 237 -2.03 0.93 4.12
CA ILE B 237 -1.80 -0.49 3.91
C ILE B 237 -2.49 -1.01 2.66
N GLU B 238 -1.97 -2.09 2.08
CA GLU B 238 -2.64 -2.78 0.98
C GLU B 238 -2.78 -4.26 1.40
N LEU B 239 -4.01 -4.73 1.25
CA LEU B 239 -4.38 -6.10 1.53
C LEU B 239 -4.98 -6.75 0.26
N SER B 240 -4.54 -7.95 -0.10
CA SER B 240 -4.95 -8.54 -1.36
C SER B 240 -5.09 -10.06 -1.20
N LEU B 241 -6.10 -10.62 -1.85
CA LEU B 241 -6.30 -12.07 -1.92
C LEU B 241 -5.52 -12.65 -3.08
#